data_2D3L
#
_entry.id   2D3L
#
_cell.length_a   47.450
_cell.length_b   82.460
_cell.length_c   126.910
_cell.angle_alpha   90.00
_cell.angle_beta   90.00
_cell.angle_gamma   90.00
#
_symmetry.space_group_name_H-M   'P 21 21 21'
#
loop_
_entity.id
_entity.type
_entity.pdbx_description
1 polymer 'Glucan 1,4-alpha-maltohexaosidase'
2 branched alpha-D-glucopyranose-(1-4)-alpha-D-glucopyranose-(1-4)-alpha-D-glucopyranose-(1-4)-alpha-D-glucopyranose-(1-4)-alpha-D-glucopyranose
3 branched alpha-D-glucopyranose-(1-4)-alpha-D-glucopyranose-(1-4)-alpha-D-glucopyranose
4 non-polymer alpha-D-glucopyranose
5 non-polymer 'CALCIUM ION'
6 non-polymer 'SODIUM ION'
7 water water
#
_entity_poly.entity_id   1
_entity_poly.type   'polypeptide(L)'
_entity_poly.pdbx_seq_one_letter_code
;HHNGTNGTMMQYFEWYLPNDGNHWNRLNSDASNLKSKGITAVWIPPAWKGASQNDVGYGAYDLYDLGEFNQKGTVRTKYG
TRSQLQAAVTSLKNNGIQVYGDVVMNHKGGADATEMVRAVEVNPNNRNQEVTGEYTIEAWTRFDFPGRGNTHSSFKWRWY
HFDGVDWDQSRRLNNRIYKFRGHGKAWDWEVDTENGNYDYLMYADIDMDHPEVVNELRNWGVWYTNTLGLDGFRIDAVKH
IKYSFTRDWINHVRSATGKNMFAVAEFWKNDLGAIENYLQKTNWNHSVFDVPLHYNLYNASKSGGNYDMRNIFNGTVVQR
HPSHAVTFVDNHDSQPEEALESFVEEWFKPLAYALTLTREQGYPSVFYGDYYGIPTHGVPAMRSKIDPILEARQKYAYGK
QNDYLDHHNIIGWTREGNTAHPNSGLATIMSDGAGGSKWMFVGRNKAGQVWSDITGNRTGTVTINADGWGNFSVNGGSVS
IWVNK
;
_entity_poly.pdbx_strand_id   A
#
loop_
_chem_comp.id
_chem_comp.type
_chem_comp.name
_chem_comp.formula
CA non-polymer 'CALCIUM ION' 'Ca 2'
GLC D-saccharide, alpha linking alpha-D-glucopyranose 'C6 H12 O6'
NA non-polymer 'SODIUM ION' 'Na 1'
#
# COMPACT_ATOMS: atom_id res chain seq x y z
N THR A 5 -8.68 -6.42 -16.93
CA THR A 5 -7.80 -5.49 -17.71
C THR A 5 -7.92 -4.04 -17.17
N ASN A 6 -6.77 -3.38 -17.04
CA ASN A 6 -6.73 -2.02 -16.53
C ASN A 6 -7.51 -1.75 -15.24
N GLY A 7 -7.11 -2.42 -14.16
CA GLY A 7 -7.78 -2.20 -12.90
C GLY A 7 -7.06 -1.08 -12.18
N THR A 8 -7.73 -0.48 -11.20
CA THR A 8 -7.15 0.60 -10.41
C THR A 8 -7.57 0.41 -8.97
N MET A 9 -6.57 0.32 -8.10
CA MET A 9 -6.76 0.12 -6.67
C MET A 9 -6.77 1.46 -5.92
N MET A 10 -7.51 1.53 -4.82
CA MET A 10 -7.55 2.76 -4.04
C MET A 10 -7.42 2.48 -2.54
N GLN A 11 -6.42 3.10 -1.92
CA GLN A 11 -6.22 2.97 -0.47
C GLN A 11 -7.28 3.89 0.10
N TYR A 12 -8.31 3.33 0.73
CA TYR A 12 -9.38 4.19 1.25
C TYR A 12 -9.23 4.74 2.65
N PHE A 13 -8.13 5.45 2.90
CA PHE A 13 -7.90 6.08 4.19
C PHE A 13 -6.59 6.83 4.24
N GLU A 14 -6.48 7.70 5.23
CA GLU A 14 -5.29 8.51 5.45
C GLU A 14 -5.07 8.50 6.97
N TRP A 15 -3.84 8.74 7.41
CA TRP A 15 -3.54 8.69 8.84
C TRP A 15 -4.35 9.62 9.74
N TYR A 16 -4.61 10.84 9.28
CA TYR A 16 -5.32 11.80 10.11
C TYR A 16 -6.82 11.94 9.93
N LEU A 17 -7.45 10.84 9.51
CA LEU A 17 -8.88 10.81 9.34
C LEU A 17 -9.43 11.04 10.76
N PRO A 18 -10.60 11.66 10.90
CA PRO A 18 -11.17 11.90 12.22
C PRO A 18 -11.67 10.65 12.90
N ASN A 19 -11.47 10.55 14.20
CA ASN A 19 -11.94 9.41 14.98
C ASN A 19 -13.42 9.61 15.28
N ASP A 20 -14.25 9.52 14.24
CA ASP A 20 -15.69 9.70 14.40
C ASP A 20 -16.48 8.43 14.12
N GLY A 21 -15.77 7.32 13.90
CA GLY A 21 -16.42 6.06 13.63
C GLY A 21 -17.44 6.03 12.49
N ASN A 22 -17.30 6.93 11.53
CA ASN A 22 -18.24 6.96 10.42
C ASN A 22 -17.56 6.74 9.08
N HIS A 23 -16.37 6.14 9.11
CA HIS A 23 -15.63 5.89 7.88
C HIS A 23 -16.22 4.78 7.02
N TRP A 24 -16.69 3.70 7.66
CA TRP A 24 -17.28 2.61 6.91
C TRP A 24 -18.50 3.15 6.14
N ASN A 25 -19.21 4.10 6.75
CA ASN A 25 -20.38 4.65 6.08
C ASN A 25 -19.98 5.53 4.91
N ARG A 26 -18.90 6.27 5.08
CA ARG A 26 -18.43 7.12 3.99
C ARG A 26 -18.08 6.21 2.80
N LEU A 27 -17.38 5.11 3.09
CA LEU A 27 -17.00 4.16 2.04
C LEU A 27 -18.25 3.55 1.41
N ASN A 28 -19.22 3.23 2.27
CA ASN A 28 -20.49 2.65 1.84
C ASN A 28 -21.15 3.50 0.77
N SER A 29 -21.36 4.78 1.08
CA SER A 29 -22.01 5.69 0.14
C SER A 29 -21.16 6.25 -1.00
N ASP A 30 -19.87 5.93 -1.01
CA ASP A 30 -18.99 6.43 -2.05
C ASP A 30 -18.70 5.35 -3.11
N ALA A 31 -19.22 4.14 -2.88
CA ALA A 31 -19.02 3.01 -3.79
C ALA A 31 -19.43 3.27 -5.24
N SER A 32 -20.65 3.74 -5.45
CA SER A 32 -21.16 4.03 -6.79
C SER A 32 -20.26 5.04 -7.51
N ASN A 33 -19.90 6.09 -6.77
CA ASN A 33 -19.04 7.15 -7.29
C ASN A 33 -17.68 6.62 -7.72
N LEU A 34 -17.04 5.84 -6.86
CA LEU A 34 -15.72 5.30 -7.15
C LEU A 34 -15.69 4.39 -8.37
N LYS A 35 -16.66 3.49 -8.47
CA LYS A 35 -16.72 2.57 -9.60
C LYS A 35 -16.91 3.33 -10.90
N SER A 36 -17.65 4.44 -10.86
CA SER A 36 -17.86 5.20 -12.07
C SER A 36 -16.58 5.94 -12.46
N LYS A 37 -15.77 6.29 -11.45
CA LYS A 37 -14.53 7.00 -11.67
C LYS A 37 -13.40 6.11 -12.17
N GLY A 38 -13.62 4.79 -12.18
CA GLY A 38 -12.59 3.89 -12.66
C GLY A 38 -11.86 3.11 -11.58
N ILE A 39 -12.38 3.14 -10.35
CA ILE A 39 -11.77 2.39 -9.25
C ILE A 39 -12.38 0.99 -9.27
N THR A 40 -11.53 -0.03 -9.29
CA THR A 40 -12.02 -1.40 -9.33
C THR A 40 -11.72 -2.22 -8.09
N ALA A 41 -10.97 -1.63 -7.16
CA ALA A 41 -10.62 -2.32 -5.93
C ALA A 41 -10.32 -1.32 -4.82
N VAL A 42 -10.83 -1.60 -3.63
CA VAL A 42 -10.59 -0.74 -2.48
C VAL A 42 -9.82 -1.49 -1.40
N TRP A 43 -8.74 -0.89 -0.93
CA TRP A 43 -7.95 -1.48 0.14
C TRP A 43 -8.41 -0.72 1.38
N ILE A 44 -9.13 -1.41 2.25
CA ILE A 44 -9.65 -0.78 3.46
C ILE A 44 -8.63 -0.73 4.60
N PRO A 45 -8.79 0.22 5.53
CA PRO A 45 -7.85 0.34 6.66
C PRO A 45 -8.07 -0.83 7.62
N PRO A 46 -7.16 -1.02 8.58
CA PRO A 46 -7.33 -2.12 9.54
C PRO A 46 -8.78 -2.14 10.04
N ALA A 47 -9.43 -3.28 9.91
CA ALA A 47 -10.83 -3.40 10.32
C ALA A 47 -11.02 -3.85 11.77
N TRP A 48 -9.91 -4.25 12.41
CA TRP A 48 -9.92 -4.75 13.78
C TRP A 48 -9.62 -3.71 14.87
N LYS A 49 -9.82 -4.13 16.12
CA LYS A 49 -9.61 -3.28 17.30
C LYS A 49 -8.13 -3.01 17.58
N GLY A 50 -7.76 -1.73 17.63
CA GLY A 50 -6.39 -1.37 17.92
C GLY A 50 -6.16 -1.18 19.41
N ALA A 51 -5.02 -0.60 19.80
CA ALA A 51 -4.69 -0.40 21.20
C ALA A 51 -5.63 0.62 21.84
N SER A 52 -6.35 1.36 20.99
CA SER A 52 -7.32 2.35 21.46
C SER A 52 -8.28 2.66 20.32
N GLN A 53 -9.30 3.44 20.62
CA GLN A 53 -10.31 3.83 19.64
C GLN A 53 -9.79 4.68 18.48
N ASN A 54 -8.86 5.60 18.75
CA ASN A 54 -8.35 6.43 17.67
C ASN A 54 -7.08 5.88 17.01
N ASP A 55 -6.79 4.62 17.27
CA ASP A 55 -5.62 3.98 16.67
C ASP A 55 -5.97 3.74 15.21
N VAL A 56 -5.03 4.05 14.31
CA VAL A 56 -5.26 3.86 12.88
C VAL A 56 -5.51 2.38 12.57
N GLY A 57 -5.07 1.51 13.46
CA GLY A 57 -5.26 0.08 13.29
C GLY A 57 -3.99 -0.76 13.34
N TYR A 58 -2.84 -0.12 13.13
CA TYR A 58 -1.57 -0.83 13.13
C TYR A 58 -1.10 -1.21 14.52
N GLY A 59 -1.73 -0.61 15.53
CA GLY A 59 -1.41 -0.98 16.90
C GLY A 59 -2.40 -2.12 17.13
N ALA A 60 -2.28 -3.15 16.30
CA ALA A 60 -3.16 -4.31 16.32
C ALA A 60 -3.28 -4.99 17.68
N TYR A 61 -4.46 -4.89 18.28
CA TYR A 61 -4.72 -5.51 19.57
C TYR A 61 -5.43 -6.86 19.41
N ASP A 62 -6.56 -6.88 18.71
CA ASP A 62 -7.33 -8.10 18.53
C ASP A 62 -7.87 -8.21 17.11
N LEU A 63 -7.34 -9.15 16.34
CA LEU A 63 -7.73 -9.34 14.95
C LEU A 63 -9.11 -9.97 14.75
N TYR A 64 -9.76 -10.37 15.84
CA TYR A 64 -11.09 -10.97 15.78
C TYR A 64 -12.17 -10.00 16.23
N ASP A 65 -11.75 -8.78 16.58
CA ASP A 65 -12.68 -7.76 17.03
C ASP A 65 -12.70 -6.66 15.96
N LEU A 66 -13.66 -6.81 15.04
CA LEU A 66 -13.84 -5.90 13.92
C LEU A 66 -14.86 -4.83 14.26
N GLY A 67 -14.74 -4.24 15.45
CA GLY A 67 -15.67 -3.23 15.89
C GLY A 67 -16.94 -3.88 16.41
N GLU A 68 -16.80 -5.07 16.99
CA GLU A 68 -17.92 -5.85 17.52
C GLU A 68 -17.92 -6.04 19.04
N PHE A 69 -16.76 -5.91 19.68
CA PHE A 69 -16.68 -6.10 21.13
C PHE A 69 -16.23 -4.90 21.93
N ASN A 70 -16.75 -4.80 23.15
CA ASN A 70 -16.39 -3.72 24.06
C ASN A 70 -14.99 -4.00 24.59
N GLN A 71 -13.98 -3.36 24.01
CA GLN A 71 -12.59 -3.56 24.40
C GLN A 71 -11.75 -2.34 24.10
N LYS A 72 -10.86 -2.00 25.03
CA LYS A 72 -9.98 -0.85 24.90
C LYS A 72 -10.75 0.43 25.10
N GLY A 73 -11.91 0.32 25.75
CA GLY A 73 -12.72 1.50 26.01
C GLY A 73 -13.73 1.86 24.94
N THR A 74 -13.92 0.97 23.96
CA THR A 74 -14.86 1.24 22.88
C THR A 74 -15.32 -0.04 22.21
N VAL A 75 -16.44 0.01 21.51
CA VAL A 75 -16.93 -1.15 20.79
C VAL A 75 -16.45 -1.01 19.35
N ARG A 76 -16.77 0.13 18.73
CA ARG A 76 -16.35 0.38 17.35
C ARG A 76 -14.85 0.61 17.26
N THR A 77 -14.34 0.62 16.03
CA THR A 77 -12.93 0.88 15.79
C THR A 77 -12.95 2.37 15.44
N LYS A 78 -11.82 2.90 15.00
CA LYS A 78 -11.77 4.31 14.64
C LYS A 78 -12.77 4.55 13.50
N TYR A 79 -12.90 3.53 12.64
CA TYR A 79 -13.76 3.60 11.46
C TYR A 79 -15.24 3.23 11.61
N GLY A 80 -15.59 2.55 12.69
CA GLY A 80 -16.99 2.19 12.88
C GLY A 80 -17.21 0.83 13.50
N THR A 81 -18.45 0.35 13.43
CA THR A 81 -18.82 -0.96 13.98
C THR A 81 -18.68 -2.05 12.93
N ARG A 82 -18.74 -3.31 13.36
CA ARG A 82 -18.64 -4.42 12.42
C ARG A 82 -19.77 -4.44 11.38
N SER A 83 -20.98 -4.07 11.80
CA SER A 83 -22.12 -4.07 10.88
C SER A 83 -21.99 -2.99 9.81
N GLN A 84 -21.44 -1.83 10.20
CA GLN A 84 -21.25 -0.74 9.25
C GLN A 84 -20.21 -1.17 8.22
N LEU A 85 -19.16 -1.84 8.70
CA LEU A 85 -18.09 -2.33 7.85
C LEU A 85 -18.65 -3.31 6.82
N GLN A 86 -19.42 -4.28 7.30
CA GLN A 86 -19.98 -5.28 6.40
C GLN A 86 -21.01 -4.68 5.45
N ALA A 87 -21.67 -3.60 5.88
CA ALA A 87 -22.63 -2.92 5.01
C ALA A 87 -21.80 -2.22 3.93
N ALA A 88 -20.59 -1.81 4.29
CA ALA A 88 -19.70 -1.14 3.34
C ALA A 88 -19.23 -2.15 2.29
N VAL A 89 -18.73 -3.30 2.73
CA VAL A 89 -18.27 -4.33 1.82
C VAL A 89 -19.39 -4.70 0.83
N THR A 90 -20.61 -4.90 1.33
CA THR A 90 -21.75 -5.24 0.49
C THR A 90 -21.92 -4.19 -0.60
N SER A 91 -21.89 -2.92 -0.20
CA SER A 91 -22.04 -1.82 -1.15
C SER A 91 -20.97 -1.87 -2.24
N LEU A 92 -19.73 -2.18 -1.86
CA LEU A 92 -18.65 -2.27 -2.84
C LEU A 92 -18.86 -3.49 -3.74
N LYS A 93 -19.29 -4.60 -3.16
CA LYS A 93 -19.53 -5.82 -3.92
C LYS A 93 -20.64 -5.61 -4.95
N ASN A 94 -21.69 -4.90 -4.55
CA ASN A 94 -22.81 -4.64 -5.45
C ASN A 94 -22.43 -3.76 -6.62
N ASN A 95 -21.45 -2.88 -6.40
CA ASN A 95 -20.98 -1.99 -7.46
C ASN A 95 -19.80 -2.63 -8.19
N GLY A 96 -19.64 -3.93 -8.02
CA GLY A 96 -18.58 -4.65 -8.69
C GLY A 96 -17.16 -4.27 -8.34
N ILE A 97 -16.95 -3.85 -7.09
CA ILE A 97 -15.62 -3.47 -6.63
C ILE A 97 -15.08 -4.53 -5.68
N GLN A 98 -13.85 -4.97 -5.93
CA GLN A 98 -13.20 -5.97 -5.09
C GLN A 98 -12.75 -5.31 -3.79
N VAL A 99 -12.61 -6.11 -2.73
CA VAL A 99 -12.19 -5.57 -1.43
C VAL A 99 -10.90 -6.21 -0.91
N TYR A 100 -9.91 -5.37 -0.61
CA TYR A 100 -8.63 -5.86 -0.08
C TYR A 100 -8.55 -5.45 1.38
N GLY A 101 -8.43 -6.44 2.26
CA GLY A 101 -8.33 -6.14 3.68
C GLY A 101 -6.87 -6.02 4.09
N ASP A 102 -6.59 -5.09 4.99
CA ASP A 102 -5.23 -4.91 5.46
C ASP A 102 -4.90 -6.12 6.35
N VAL A 103 -3.61 -6.35 6.60
CA VAL A 103 -3.20 -7.50 7.41
C VAL A 103 -1.99 -7.17 8.28
N VAL A 104 -2.18 -7.20 9.59
CA VAL A 104 -1.10 -6.91 10.52
C VAL A 104 -0.79 -8.16 11.32
N MET A 105 0.28 -8.85 10.95
CA MET A 105 0.68 -10.07 11.63
C MET A 105 2.08 -10.01 12.23
N ASN A 106 2.75 -8.88 12.08
CA ASN A 106 4.09 -8.76 12.62
C ASN A 106 4.13 -8.62 14.14
N HIS A 107 3.11 -7.98 14.70
CA HIS A 107 3.09 -7.75 16.14
C HIS A 107 1.67 -7.62 16.72
N LYS A 108 1.61 -7.43 18.04
CA LYS A 108 0.35 -7.21 18.76
C LYS A 108 0.65 -6.16 19.80
N GLY A 109 -0.12 -5.08 19.78
CA GLY A 109 0.07 -4.01 20.75
C GLY A 109 -1.14 -3.94 21.68
N GLY A 110 -1.02 -3.13 22.72
CA GLY A 110 -2.12 -2.97 23.65
C GLY A 110 -2.47 -4.22 24.42
N ALA A 111 -1.46 -4.98 24.84
CA ALA A 111 -1.69 -6.21 25.60
C ALA A 111 -2.61 -5.92 26.80
N ASP A 112 -3.30 -6.95 27.26
CA ASP A 112 -4.21 -6.79 28.40
C ASP A 112 -3.46 -6.67 29.72
N ALA A 113 -2.30 -7.30 29.81
CA ALA A 113 -1.51 -7.25 31.04
C ALA A 113 -0.05 -7.58 30.77
N THR A 114 0.77 -7.46 31.79
CA THR A 114 2.19 -7.75 31.68
C THR A 114 2.53 -9.14 32.21
N GLU A 115 3.72 -9.62 31.88
CA GLU A 115 4.20 -10.92 32.32
C GLU A 115 5.68 -10.81 32.64
N MET A 116 6.14 -11.57 33.63
CA MET A 116 7.55 -11.57 33.96
C MET A 116 8.22 -12.48 32.94
N VAL A 117 9.20 -11.95 32.22
CA VAL A 117 9.87 -12.70 31.18
C VAL A 117 11.39 -12.58 31.19
N ARG A 118 12.07 -13.71 31.03
CA ARG A 118 13.53 -13.73 30.99
C ARG A 118 13.89 -13.25 29.59
N ALA A 119 14.88 -12.37 29.50
CA ALA A 119 15.28 -11.85 28.21
C ALA A 119 16.62 -11.16 28.29
N VAL A 120 17.16 -10.82 27.13
CA VAL A 120 18.44 -10.13 27.05
C VAL A 120 18.24 -8.93 26.14
N GLU A 121 19.06 -7.91 26.32
CA GLU A 121 18.96 -6.73 25.48
C GLU A 121 19.86 -6.98 24.28
N VAL A 122 19.49 -6.41 23.14
CA VAL A 122 20.30 -6.56 21.94
C VAL A 122 20.60 -5.18 21.40
N ASN A 123 21.61 -5.10 20.55
CA ASN A 123 22.00 -3.83 19.96
C ASN A 123 20.96 -3.38 18.93
N PRO A 124 20.33 -2.22 19.17
CA PRO A 124 19.32 -1.71 18.24
C PRO A 124 19.82 -1.65 16.79
N ASN A 125 21.10 -1.35 16.63
CA ASN A 125 21.71 -1.27 15.29
C ASN A 125 22.28 -2.60 14.80
N ASN A 126 22.05 -3.65 15.59
CA ASN A 126 22.49 -5.00 15.24
C ASN A 126 21.84 -5.93 16.25
N ARG A 127 20.60 -6.31 15.97
CA ARG A 127 19.85 -7.18 16.88
C ARG A 127 20.45 -8.56 17.03
N ASN A 128 21.50 -8.87 16.28
CA ASN A 128 22.15 -10.17 16.39
C ASN A 128 23.21 -10.19 17.48
N GLN A 129 23.52 -9.02 18.02
CA GLN A 129 24.51 -8.92 19.09
C GLN A 129 23.85 -8.67 20.44
N GLU A 130 23.99 -9.64 21.34
CA GLU A 130 23.42 -9.49 22.67
C GLU A 130 24.30 -8.51 23.43
N VAL A 131 23.72 -7.47 24.01
CA VAL A 131 24.51 -6.47 24.73
C VAL A 131 24.43 -6.55 26.26
N THR A 132 23.68 -7.53 26.77
CA THR A 132 23.58 -7.71 28.22
C THR A 132 23.41 -9.19 28.51
N GLY A 133 23.47 -9.54 29.79
CA GLY A 133 23.29 -10.92 30.19
C GLY A 133 21.80 -11.14 30.33
N GLU A 134 21.39 -12.36 30.60
CA GLU A 134 19.97 -12.68 30.76
C GLU A 134 19.43 -12.13 32.08
N TYR A 135 18.21 -11.61 32.04
CA TYR A 135 17.59 -11.10 33.26
C TYR A 135 16.08 -10.94 33.07
N THR A 136 15.35 -10.72 34.15
CA THR A 136 13.89 -10.62 34.10
C THR A 136 13.33 -9.23 33.89
N ILE A 137 12.43 -9.13 32.92
CA ILE A 137 11.77 -7.87 32.61
C ILE A 137 10.27 -8.07 32.71
N GLU A 138 9.54 -6.99 32.57
CA GLU A 138 8.08 -7.03 32.62
C GLU A 138 7.59 -6.58 31.25
N ALA A 139 7.10 -7.52 30.46
CA ALA A 139 6.64 -7.24 29.09
C ALA A 139 5.14 -7.35 28.88
N TRP A 140 4.62 -6.53 27.97
CA TRP A 140 3.19 -6.54 27.64
C TRP A 140 2.96 -7.61 26.58
N THR A 141 2.88 -8.87 27.02
CA THR A 141 2.71 -9.98 26.10
C THR A 141 1.44 -10.80 26.32
N ARG A 142 0.64 -10.44 27.32
CA ARG A 142 -0.57 -11.21 27.61
C ARG A 142 -1.88 -10.67 27.02
N PHE A 143 -2.53 -11.51 26.21
CA PHE A 143 -3.79 -11.17 25.57
C PHE A 143 -4.87 -12.21 25.87
N ASP A 144 -5.94 -11.78 26.54
CA ASP A 144 -7.05 -12.67 26.87
C ASP A 144 -8.35 -12.17 26.26
N PHE A 145 -8.35 -10.91 25.81
CA PHE A 145 -9.53 -10.30 25.17
C PHE A 145 -10.78 -10.41 26.05
N PRO A 146 -10.80 -9.69 27.17
CA PRO A 146 -11.95 -9.73 28.07
C PRO A 146 -13.33 -9.46 27.45
N GLY A 147 -13.39 -8.53 26.51
CA GLY A 147 -14.67 -8.22 25.88
C GLY A 147 -15.17 -9.19 24.82
N ARG A 148 -14.30 -10.06 24.33
CA ARG A 148 -14.69 -11.03 23.30
C ARG A 148 -14.83 -12.46 23.81
N GLY A 149 -14.15 -12.80 24.89
CA GLY A 149 -14.21 -14.15 25.40
C GLY A 149 -13.66 -15.13 24.38
N ASN A 150 -14.40 -16.20 24.08
CA ASN A 150 -13.92 -17.16 23.10
C ASN A 150 -14.65 -17.04 21.77
N THR A 151 -15.49 -16.01 21.63
CA THR A 151 -16.24 -15.82 20.39
C THR A 151 -15.25 -15.76 19.22
N HIS A 152 -15.54 -16.54 18.17
CA HIS A 152 -14.72 -16.60 16.95
C HIS A 152 -13.43 -17.37 17.11
N SER A 153 -12.78 -17.22 18.27
CA SER A 153 -11.52 -17.88 18.53
C SER A 153 -11.25 -17.97 20.03
N SER A 154 -10.64 -19.06 20.47
CA SER A 154 -10.34 -19.23 21.90
C SER A 154 -8.86 -19.07 22.17
N PHE A 155 -8.07 -18.88 21.11
CA PHE A 155 -6.63 -18.70 21.23
C PHE A 155 -6.23 -17.49 22.09
N LYS A 156 -5.34 -17.74 23.04
CA LYS A 156 -4.83 -16.70 23.95
C LYS A 156 -3.33 -16.51 23.73
N TRP A 157 -2.87 -15.27 23.76
CA TRP A 157 -1.45 -15.01 23.55
C TRP A 157 -0.69 -14.80 24.86
N ARG A 158 0.52 -15.34 24.91
CA ARG A 158 1.41 -15.23 26.06
C ARG A 158 2.82 -14.91 25.57
N TRP A 159 3.70 -14.54 26.49
CA TRP A 159 5.07 -14.18 26.13
C TRP A 159 5.76 -15.15 25.16
N TYR A 160 5.55 -16.45 25.34
CA TYR A 160 6.21 -17.44 24.50
C TYR A 160 5.74 -17.46 23.05
N HIS A 161 4.74 -16.65 22.74
CA HIS A 161 4.22 -16.56 21.38
C HIS A 161 4.96 -15.45 20.64
N PHE A 162 5.77 -14.69 21.38
CA PHE A 162 6.53 -13.57 20.82
C PHE A 162 8.05 -13.77 20.93
N ASP A 163 8.79 -13.04 20.09
CA ASP A 163 10.25 -13.10 20.11
C ASP A 163 10.83 -12.01 20.99
N GLY A 164 10.06 -10.95 21.21
CA GLY A 164 10.55 -9.86 22.03
C GLY A 164 9.69 -8.60 22.04
N VAL A 165 10.16 -7.60 22.76
CA VAL A 165 9.50 -6.31 22.88
C VAL A 165 10.55 -5.22 23.02
N ASP A 166 10.11 -3.97 23.03
CA ASP A 166 11.02 -2.83 23.17
C ASP A 166 10.75 -2.07 24.46
N TRP A 167 9.96 -2.66 25.37
CA TRP A 167 9.64 -1.97 26.61
C TRP A 167 9.55 -2.86 27.85
N ASP A 168 10.36 -2.52 28.85
CA ASP A 168 10.39 -3.24 30.12
C ASP A 168 9.64 -2.34 31.10
N GLN A 169 8.43 -2.76 31.44
CA GLN A 169 7.56 -2.00 32.34
C GLN A 169 8.11 -1.81 33.75
N SER A 170 9.01 -2.68 34.18
CA SER A 170 9.58 -2.57 35.53
C SER A 170 10.75 -1.59 35.63
N ARG A 171 11.24 -1.09 34.50
CA ARG A 171 12.35 -0.16 34.54
C ARG A 171 12.14 1.04 33.63
N ARG A 172 11.33 0.86 32.59
CA ARG A 172 11.01 1.92 31.64
C ARG A 172 12.26 2.59 31.05
N LEU A 173 13.15 1.79 30.49
CA LEU A 173 14.36 2.32 29.86
C LEU A 173 14.09 2.58 28.37
N ASN A 174 14.68 3.64 27.86
CA ASN A 174 14.48 4.03 26.46
C ASN A 174 15.47 3.41 25.47
N ASN A 175 15.07 3.35 24.21
CA ASN A 175 15.90 2.81 23.14
C ASN A 175 16.44 1.40 23.39
N ARG A 176 15.60 0.52 23.91
CA ARG A 176 16.00 -0.85 24.18
C ARG A 176 15.18 -1.86 23.39
N ILE A 177 15.83 -2.93 22.93
CA ILE A 177 15.14 -4.00 22.22
C ILE A 177 15.46 -5.27 23.00
N TYR A 178 14.41 -5.94 23.47
CA TYR A 178 14.54 -7.16 24.26
C TYR A 178 14.23 -8.44 23.50
N LYS A 179 15.19 -9.35 23.44
CA LYS A 179 15.00 -10.62 22.77
C LYS A 179 14.70 -11.63 23.88
N PHE A 180 13.56 -12.30 23.79
CA PHE A 180 13.18 -13.26 24.82
C PHE A 180 14.07 -14.49 24.84
N ARG A 181 14.27 -15.03 26.04
CA ARG A 181 15.07 -16.23 26.24
C ARG A 181 14.14 -17.41 26.47
N GLY A 182 14.56 -18.60 26.05
CA GLY A 182 13.72 -19.77 26.25
C GLY A 182 14.00 -20.82 25.19
N HIS A 183 13.18 -21.87 25.18
CA HIS A 183 13.35 -22.94 24.20
C HIS A 183 13.13 -22.44 22.78
N GLY A 184 14.16 -22.56 21.96
CA GLY A 184 14.06 -22.14 20.57
C GLY A 184 13.77 -20.68 20.30
N LYS A 185 14.13 -19.80 21.21
CA LYS A 185 13.89 -18.36 21.03
C LYS A 185 15.02 -17.64 20.31
N ALA A 186 14.68 -17.05 19.18
CA ALA A 186 15.63 -16.31 18.35
C ALA A 186 14.86 -15.48 17.36
N TRP A 187 15.45 -14.37 16.92
CA TRP A 187 14.78 -13.52 15.95
C TRP A 187 14.45 -14.43 14.77
N ASP A 188 13.38 -14.13 14.03
CA ASP A 188 13.02 -14.96 12.90
C ASP A 188 13.96 -14.79 11.71
N TRP A 189 13.86 -15.71 10.76
CA TRP A 189 14.68 -15.69 9.54
C TRP A 189 13.96 -16.55 8.52
N GLU A 190 13.92 -16.13 7.25
CA GLU A 190 14.55 -14.88 6.80
C GLU A 190 13.72 -13.61 6.95
N VAL A 191 14.41 -12.50 7.24
CA VAL A 191 13.80 -11.18 7.37
C VAL A 191 14.85 -10.21 6.82
N ASP A 192 14.46 -8.95 6.64
CA ASP A 192 15.40 -7.95 6.14
C ASP A 192 16.64 -7.91 7.03
N THR A 193 17.77 -7.55 6.44
CA THR A 193 19.03 -7.52 7.17
C THR A 193 19.53 -6.17 7.69
N GLU A 194 18.74 -5.12 7.50
CA GLU A 194 19.14 -3.83 8.04
C GLU A 194 19.12 -3.99 9.56
N ASN A 195 20.11 -3.45 10.24
CA ASN A 195 20.23 -3.55 11.70
C ASN A 195 20.60 -5.00 12.07
N GLY A 196 21.27 -5.69 11.16
CA GLY A 196 21.65 -7.07 11.42
C GLY A 196 20.50 -8.01 11.07
N ASN A 197 19.44 -7.91 11.87
CA ASN A 197 18.24 -8.72 11.68
C ASN A 197 17.08 -7.79 12.02
N TYR A 198 16.18 -7.58 11.07
CA TYR A 198 15.07 -6.67 11.27
C TYR A 198 13.76 -7.31 11.68
N ASP A 199 13.82 -8.45 12.35
CA ASP A 199 12.61 -9.11 12.80
C ASP A 199 11.84 -8.15 13.72
N TYR A 200 12.51 -7.60 14.73
CA TYR A 200 11.83 -6.68 15.65
C TYR A 200 11.57 -5.30 15.05
N LEU A 201 10.35 -4.80 15.24
CA LEU A 201 9.98 -3.48 14.75
C LEU A 201 9.39 -2.62 15.87
N MET A 202 8.24 -3.05 16.39
CA MET A 202 7.54 -2.32 17.45
C MET A 202 6.61 -3.27 18.21
N TYR A 203 6.12 -2.81 19.36
CA TYR A 203 5.21 -3.59 20.19
C TYR A 203 5.75 -4.99 20.51
N ALA A 204 4.85 -5.95 20.72
CA ALA A 204 5.27 -7.32 21.02
C ALA A 204 5.47 -8.06 19.70
N ASP A 205 6.72 -8.38 19.37
CA ASP A 205 7.04 -9.05 18.12
C ASP A 205 6.69 -10.54 18.10
N ILE A 206 5.75 -10.89 17.24
CA ILE A 206 5.26 -12.25 17.11
C ILE A 206 6.37 -13.18 16.61
N ASP A 207 6.42 -14.35 17.22
CA ASP A 207 7.41 -15.37 16.89
C ASP A 207 6.85 -16.36 15.85
N MET A 208 7.35 -16.27 14.62
CA MET A 208 6.89 -17.14 13.54
C MET A 208 7.49 -18.54 13.59
N ASP A 209 8.31 -18.81 14.60
CA ASP A 209 8.94 -20.12 14.77
C ASP A 209 8.03 -21.03 15.60
N HIS A 210 7.11 -20.42 16.33
CA HIS A 210 6.20 -21.19 17.17
C HIS A 210 5.04 -21.72 16.33
N PRO A 211 4.90 -23.05 16.25
CA PRO A 211 3.85 -23.69 15.48
C PRO A 211 2.43 -23.26 15.83
N GLU A 212 2.16 -23.01 17.11
CA GLU A 212 0.81 -22.60 17.49
C GLU A 212 0.49 -21.24 16.88
N VAL A 213 1.50 -20.38 16.77
CA VAL A 213 1.33 -19.04 16.20
C VAL A 213 1.01 -19.16 14.71
N VAL A 214 1.82 -19.93 13.99
CA VAL A 214 1.60 -20.12 12.56
C VAL A 214 0.19 -20.67 12.32
N ASN A 215 -0.16 -21.72 13.06
CA ASN A 215 -1.47 -22.33 12.93
C ASN A 215 -2.58 -21.31 13.15
N GLU A 216 -2.47 -20.54 14.23
CA GLU A 216 -3.47 -19.52 14.57
C GLU A 216 -3.62 -18.41 13.52
N LEU A 217 -2.49 -17.85 13.08
CA LEU A 217 -2.54 -16.78 12.09
C LEU A 217 -3.14 -17.27 10.76
N ARG A 218 -2.83 -18.51 10.39
CA ARG A 218 -3.38 -19.08 9.16
C ARG A 218 -4.90 -19.21 9.34
N ASN A 219 -5.32 -19.73 10.50
CA ASN A 219 -6.74 -19.88 10.79
C ASN A 219 -7.44 -18.53 10.78
N TRP A 220 -6.78 -17.50 11.31
CA TRP A 220 -7.38 -16.18 11.35
C TRP A 220 -7.51 -15.61 9.94
N GLY A 221 -6.52 -15.88 9.09
CA GLY A 221 -6.54 -15.39 7.72
C GLY A 221 -7.78 -15.88 7.01
N VAL A 222 -8.13 -17.15 7.24
CA VAL A 222 -9.31 -17.75 6.62
C VAL A 222 -10.59 -17.15 7.22
N TRP A 223 -10.66 -17.08 8.54
CA TRP A 223 -11.83 -16.53 9.21
C TRP A 223 -12.07 -15.10 8.71
N TYR A 224 -10.99 -14.32 8.67
CA TYR A 224 -11.01 -12.93 8.23
C TYR A 224 -11.47 -12.85 6.78
N THR A 225 -10.98 -13.74 5.92
CA THR A 225 -11.37 -13.74 4.53
C THR A 225 -12.85 -14.10 4.34
N ASN A 226 -13.30 -15.17 4.98
CA ASN A 226 -14.70 -15.58 4.84
C ASN A 226 -15.68 -14.68 5.56
N THR A 227 -15.30 -14.16 6.71
CA THR A 227 -16.18 -13.28 7.47
C THR A 227 -16.56 -12.04 6.68
N LEU A 228 -15.57 -11.44 6.02
CA LEU A 228 -15.78 -10.22 5.25
C LEU A 228 -15.98 -10.48 3.76
N GLY A 229 -15.59 -11.66 3.29
CA GLY A 229 -15.72 -11.96 1.88
C GLY A 229 -14.67 -11.15 1.14
N LEU A 230 -13.45 -11.15 1.66
CA LEU A 230 -12.35 -10.40 1.08
C LEU A 230 -11.85 -10.99 -0.23
N ASP A 231 -11.44 -10.13 -1.15
CA ASP A 231 -10.95 -10.57 -2.43
C ASP A 231 -9.42 -10.54 -2.47
N GLY A 232 -8.82 -9.96 -1.43
CA GLY A 232 -7.38 -9.86 -1.37
C GLY A 232 -6.82 -9.22 -0.12
N PHE A 233 -5.49 -9.08 -0.08
CA PHE A 233 -4.85 -8.51 1.10
C PHE A 233 -3.78 -7.47 0.79
N ARG A 234 -3.56 -6.61 1.78
CA ARG A 234 -2.50 -5.61 1.73
C ARG A 234 -1.76 -6.01 3.01
N ILE A 235 -0.66 -6.73 2.85
CA ILE A 235 0.11 -7.22 3.99
C ILE A 235 1.13 -6.21 4.53
N ASP A 236 0.94 -5.87 5.80
CA ASP A 236 1.75 -4.91 6.54
C ASP A 236 3.14 -5.37 7.00
N ALA A 237 4.12 -4.49 6.81
CA ALA A 237 5.51 -4.72 7.24
C ALA A 237 6.09 -6.11 7.01
N VAL A 238 6.10 -6.58 5.77
CA VAL A 238 6.62 -7.91 5.50
C VAL A 238 8.14 -8.07 5.60
N LYS A 239 8.90 -6.98 5.66
CA LYS A 239 10.35 -7.12 5.75
C LYS A 239 10.77 -7.50 7.17
N HIS A 240 9.86 -7.33 8.12
CA HIS A 240 10.09 -7.65 9.53
C HIS A 240 9.46 -9.00 9.87
N ILE A 241 8.90 -9.65 8.86
CA ILE A 241 8.25 -10.94 9.03
C ILE A 241 8.96 -12.05 8.24
N LYS A 242 9.10 -13.22 8.84
CA LYS A 242 9.75 -14.36 8.19
C LYS A 242 9.16 -14.55 6.77
N TYR A 243 10.02 -14.38 5.77
CA TYR A 243 9.59 -14.49 4.37
C TYR A 243 8.82 -15.75 4.04
N SER A 244 9.35 -16.91 4.45
CA SER A 244 8.68 -18.17 4.15
C SER A 244 7.29 -18.22 4.78
N PHE A 245 7.14 -17.63 5.95
CA PHE A 245 5.84 -17.60 6.63
C PHE A 245 4.78 -16.90 5.76
N THR A 246 5.09 -15.69 5.33
CA THR A 246 4.16 -14.91 4.52
C THR A 246 3.75 -15.65 3.26
N ARG A 247 4.73 -16.26 2.59
CA ARG A 247 4.49 -17.03 1.37
C ARG A 247 3.50 -18.15 1.65
N ASP A 248 3.82 -18.98 2.63
CA ASP A 248 2.96 -20.10 2.99
C ASP A 248 1.64 -19.67 3.59
N TRP A 249 1.61 -18.49 4.20
CA TRP A 249 0.37 -17.99 4.79
C TRP A 249 -0.61 -17.66 3.67
N ILE A 250 -0.12 -16.92 2.67
CA ILE A 250 -0.94 -16.54 1.53
C ILE A 250 -1.42 -17.78 0.77
N ASN A 251 -0.54 -18.76 0.64
CA ASN A 251 -0.88 -20.00 -0.05
C ASN A 251 -1.94 -20.76 0.72
N HIS A 252 -1.79 -20.78 2.04
CA HIS A 252 -2.75 -21.47 2.89
C HIS A 252 -4.14 -20.89 2.68
N VAL A 253 -4.24 -19.56 2.76
CA VAL A 253 -5.52 -18.88 2.60
C VAL A 253 -6.14 -19.04 1.23
N ARG A 254 -5.33 -18.99 0.18
CA ARG A 254 -5.84 -19.18 -1.17
C ARG A 254 -6.42 -20.59 -1.30
N SER A 255 -5.73 -21.55 -0.69
CA SER A 255 -6.14 -22.95 -0.76
C SER A 255 -7.34 -23.29 0.10
N ALA A 256 -7.37 -22.78 1.33
CA ALA A 256 -8.48 -23.06 2.24
C ALA A 256 -9.78 -22.35 1.85
N THR A 257 -9.70 -21.33 1.00
CA THR A 257 -10.91 -20.62 0.58
C THR A 257 -11.27 -20.82 -0.88
N GLY A 258 -10.43 -21.52 -1.63
CA GLY A 258 -10.71 -21.75 -3.05
C GLY A 258 -10.70 -20.47 -3.85
N LYS A 259 -10.09 -19.42 -3.30
CA LYS A 259 -10.00 -18.13 -3.99
C LYS A 259 -8.56 -17.75 -4.27
N ASN A 260 -8.31 -17.21 -5.46
CA ASN A 260 -6.96 -16.78 -5.80
C ASN A 260 -6.86 -15.34 -5.31
N MET A 261 -6.74 -15.18 -3.99
CA MET A 261 -6.65 -13.89 -3.33
C MET A 261 -5.51 -13.03 -3.85
N PHE A 262 -5.80 -11.79 -4.21
CA PHE A 262 -4.74 -10.91 -4.64
C PHE A 262 -4.01 -10.54 -3.36
N ALA A 263 -2.72 -10.23 -3.46
CA ALA A 263 -1.95 -9.86 -2.29
C ALA A 263 -0.84 -8.90 -2.63
N VAL A 264 -0.82 -7.76 -1.94
CA VAL A 264 0.21 -6.75 -2.15
C VAL A 264 0.87 -6.54 -0.80
N ALA A 265 2.16 -6.85 -0.72
CA ALA A 265 2.90 -6.68 0.52
C ALA A 265 3.63 -5.36 0.56
N GLU A 266 3.77 -4.81 1.76
CA GLU A 266 4.49 -3.56 1.93
C GLU A 266 5.88 -3.89 2.43
N PHE A 267 6.84 -3.91 1.50
CA PHE A 267 8.23 -4.16 1.86
C PHE A 267 8.81 -2.77 1.76
N TRP A 268 8.82 -2.05 2.87
CA TRP A 268 9.29 -0.69 2.84
C TRP A 268 10.79 -0.46 2.91
N LYS A 269 11.43 -0.53 1.76
CA LYS A 269 12.86 -0.29 1.68
C LYS A 269 13.10 0.29 0.29
N ASN A 270 13.89 1.36 0.23
CA ASN A 270 14.18 1.99 -1.05
C ASN A 270 15.37 1.28 -1.66
N ASP A 271 15.18 0.00 -1.94
CA ASP A 271 16.22 -0.85 -2.49
C ASP A 271 15.59 -1.99 -3.31
N LEU A 272 15.84 -1.99 -4.61
CA LEU A 272 15.27 -3.02 -5.47
C LEU A 272 15.87 -4.38 -5.17
N GLY A 273 17.18 -4.42 -4.90
CA GLY A 273 17.84 -5.68 -4.59
C GLY A 273 17.12 -6.39 -3.46
N ALA A 274 16.89 -5.68 -2.36
CA ALA A 274 16.19 -6.26 -1.21
C ALA A 274 14.81 -6.75 -1.61
N ILE A 275 14.08 -5.94 -2.38
CA ILE A 275 12.73 -6.32 -2.81
C ILE A 275 12.73 -7.55 -3.72
N GLU A 276 13.69 -7.65 -4.63
CA GLU A 276 13.78 -8.81 -5.51
C GLU A 276 14.02 -10.07 -4.69
N ASN A 277 14.85 -9.93 -3.66
CA ASN A 277 15.15 -11.06 -2.79
C ASN A 277 13.84 -11.55 -2.14
N TYR A 278 13.05 -10.61 -1.62
CA TYR A 278 11.78 -10.95 -0.99
C TYR A 278 10.88 -11.68 -1.99
N LEU A 279 10.86 -11.20 -3.23
CA LEU A 279 10.03 -11.81 -4.26
C LEU A 279 10.49 -13.22 -4.56
N GLN A 280 11.79 -13.41 -4.75
CA GLN A 280 12.32 -14.74 -5.03
C GLN A 280 12.07 -15.68 -3.85
N LYS A 281 12.30 -15.17 -2.64
CA LYS A 281 12.10 -15.96 -1.43
C LYS A 281 10.63 -16.33 -1.23
N THR A 282 9.71 -15.49 -1.68
CA THR A 282 8.29 -15.81 -1.54
C THR A 282 7.73 -16.46 -2.80
N ASN A 283 8.63 -17.01 -3.62
CA ASN A 283 8.25 -17.71 -4.84
C ASN A 283 7.35 -16.92 -5.77
N TRP A 284 7.50 -15.60 -5.77
CA TRP A 284 6.69 -14.74 -6.63
C TRP A 284 5.18 -15.00 -6.54
N ASN A 285 4.68 -15.44 -5.38
CA ASN A 285 3.24 -15.71 -5.27
C ASN A 285 2.36 -14.49 -4.96
N HIS A 286 2.95 -13.31 -4.95
CA HIS A 286 2.20 -12.07 -4.71
C HIS A 286 3.00 -10.84 -5.09
N SER A 287 2.33 -9.68 -5.10
CA SER A 287 2.96 -8.42 -5.48
C SER A 287 3.50 -7.61 -4.31
N VAL A 288 4.19 -6.53 -4.64
CA VAL A 288 4.76 -5.61 -3.66
C VAL A 288 4.54 -4.17 -4.13
N PHE A 289 4.49 -3.23 -3.18
CA PHE A 289 4.34 -1.83 -3.54
C PHE A 289 5.69 -1.41 -4.09
N ASP A 290 5.68 -0.56 -5.10
CA ASP A 290 6.92 -0.08 -5.70
C ASP A 290 7.44 1.07 -4.86
N VAL A 291 8.11 0.75 -3.76
CA VAL A 291 8.64 1.78 -2.89
C VAL A 291 9.72 2.64 -3.55
N PRO A 292 10.55 2.04 -4.43
CA PRO A 292 11.59 2.86 -5.07
C PRO A 292 11.00 3.89 -6.02
N LEU A 293 9.94 3.53 -6.73
CA LEU A 293 9.29 4.46 -7.65
C LEU A 293 8.77 5.66 -6.84
N HIS A 294 8.18 5.36 -5.69
CA HIS A 294 7.65 6.40 -4.83
C HIS A 294 8.74 7.42 -4.49
N TYR A 295 9.94 6.93 -4.16
CA TYR A 295 11.04 7.82 -3.83
C TYR A 295 11.55 8.56 -5.06
N ASN A 296 11.51 7.91 -6.22
CA ASN A 296 11.94 8.56 -7.45
C ASN A 296 10.95 9.71 -7.70
N LEU A 297 9.66 9.42 -7.52
CA LEU A 297 8.63 10.44 -7.72
C LEU A 297 8.80 11.58 -6.72
N TYR A 298 9.08 11.21 -5.47
CA TYR A 298 9.29 12.19 -4.41
C TYR A 298 10.51 13.05 -4.69
N ASN A 299 11.63 12.39 -4.97
CA ASN A 299 12.85 13.14 -5.26
C ASN A 299 12.69 14.07 -6.44
N ALA A 300 11.92 13.65 -7.44
CA ALA A 300 11.69 14.49 -8.63
C ALA A 300 10.87 15.73 -8.28
N SER A 301 9.85 15.55 -7.44
CA SER A 301 8.99 16.65 -7.03
C SER A 301 9.75 17.65 -6.17
N LYS A 302 10.91 17.22 -5.66
CA LYS A 302 11.75 18.05 -4.81
C LYS A 302 13.01 18.61 -5.47
N SER A 303 13.17 18.36 -6.77
CA SER A 303 14.36 18.82 -7.49
C SER A 303 14.18 20.10 -8.29
N GLY A 304 12.99 20.68 -8.23
CA GLY A 304 12.69 21.91 -8.94
C GLY A 304 13.01 21.96 -10.41
N GLY A 305 12.83 20.83 -11.10
CA GLY A 305 13.10 20.76 -12.53
C GLY A 305 14.43 20.10 -12.90
N ASN A 306 15.33 19.94 -11.92
CA ASN A 306 16.63 19.34 -12.19
C ASN A 306 16.70 17.82 -12.14
N TYR A 307 15.58 17.16 -11.87
CA TYR A 307 15.60 15.71 -11.85
C TYR A 307 15.72 15.28 -13.31
N ASP A 308 16.53 14.27 -13.60
CA ASP A 308 16.64 13.82 -14.97
C ASP A 308 15.45 12.89 -15.16
N MET A 309 14.42 13.40 -15.82
CA MET A 309 13.19 12.63 -16.03
C MET A 309 13.33 11.34 -16.81
N ARG A 310 14.43 11.19 -17.53
CA ARG A 310 14.65 9.98 -18.29
C ARG A 310 14.89 8.79 -17.37
N ASN A 311 15.24 9.08 -16.12
CA ASN A 311 15.53 8.05 -15.11
C ASN A 311 14.41 7.80 -14.12
N ILE A 312 13.29 8.50 -14.27
CA ILE A 312 12.19 8.34 -13.32
C ILE A 312 11.86 6.88 -12.96
N PHE A 313 12.15 5.95 -13.87
CA PHE A 313 11.88 4.54 -13.62
C PHE A 313 13.11 3.69 -13.24
N ASN A 314 14.23 4.34 -12.97
CA ASN A 314 15.43 3.60 -12.61
C ASN A 314 15.36 3.01 -11.19
N GLY A 315 15.74 1.74 -11.08
CA GLY A 315 15.74 1.07 -9.80
C GLY A 315 14.37 0.73 -9.24
N THR A 316 13.34 0.87 -10.06
CA THR A 316 11.97 0.60 -9.66
C THR A 316 11.51 -0.83 -9.93
N VAL A 317 10.54 -1.29 -9.15
CA VAL A 317 9.98 -2.63 -9.32
C VAL A 317 9.15 -2.76 -10.61
N VAL A 318 8.40 -1.72 -10.94
CA VAL A 318 7.57 -1.75 -12.14
C VAL A 318 8.43 -1.86 -13.40
N GLN A 319 9.66 -1.35 -13.34
CA GLN A 319 10.56 -1.43 -14.49
C GLN A 319 11.16 -2.83 -14.65
N ARG A 320 11.56 -3.44 -13.53
CA ARG A 320 12.19 -4.76 -13.61
C ARG A 320 11.20 -5.93 -13.52
N HIS A 321 10.21 -5.83 -12.64
CA HIS A 321 9.23 -6.91 -12.50
C HIS A 321 7.81 -6.33 -12.48
N PRO A 322 7.35 -5.82 -13.64
CA PRO A 322 6.03 -5.20 -13.82
C PRO A 322 4.80 -6.02 -13.39
N SER A 323 4.87 -7.34 -13.51
CA SER A 323 3.74 -8.18 -13.12
C SER A 323 3.51 -8.22 -11.62
N HIS A 324 4.56 -7.92 -10.85
CA HIS A 324 4.47 -7.95 -9.40
C HIS A 324 4.56 -6.57 -8.74
N ALA A 325 4.33 -5.52 -9.52
CA ALA A 325 4.43 -4.18 -8.98
C ALA A 325 3.10 -3.44 -8.80
N VAL A 326 2.86 -2.98 -7.57
CA VAL A 326 1.67 -2.18 -7.27
C VAL A 326 2.28 -0.78 -7.12
N THR A 327 2.02 0.08 -8.10
CA THR A 327 2.57 1.44 -8.10
C THR A 327 1.73 2.48 -7.38
N PHE A 328 2.37 3.25 -6.51
CA PHE A 328 1.67 4.29 -5.77
C PHE A 328 2.46 5.59 -5.75
N VAL A 329 1.77 6.69 -5.45
CA VAL A 329 2.40 7.98 -5.38
C VAL A 329 2.70 8.29 -3.91
N ASP A 330 1.69 8.14 -3.06
CA ASP A 330 1.84 8.37 -1.64
C ASP A 330 0.93 7.45 -0.84
N ASN A 331 1.19 7.36 0.47
CA ASN A 331 0.38 6.55 1.37
C ASN A 331 0.37 7.15 2.77
N HIS A 332 -0.20 6.44 3.73
CA HIS A 332 -0.29 6.94 5.10
C HIS A 332 1.05 7.15 5.80
N ASP A 333 2.11 6.52 5.31
CA ASP A 333 3.42 6.68 5.93
C ASP A 333 4.23 7.81 5.32
N SER A 334 4.01 8.06 4.03
CA SER A 334 4.75 9.10 3.33
C SER A 334 4.08 10.47 3.44
N GLN A 335 2.83 10.49 3.88
CA GLN A 335 2.12 11.76 4.02
C GLN A 335 2.75 12.63 5.13
N PRO A 336 2.47 13.95 5.12
CA PRO A 336 3.00 14.91 6.10
C PRO A 336 2.94 14.49 7.56
N GLU A 337 4.05 14.72 8.27
CA GLU A 337 4.18 14.41 9.71
C GLU A 337 4.47 12.96 10.05
N GLU A 338 4.15 12.05 9.16
CA GLU A 338 4.40 10.65 9.45
C GLU A 338 5.87 10.23 9.45
N ALA A 339 6.13 9.07 10.05
CA ALA A 339 7.48 8.51 10.20
C ALA A 339 8.33 8.53 8.94
N LEU A 340 7.73 8.10 7.83
CA LEU A 340 8.44 8.06 6.56
C LEU A 340 8.02 9.19 5.62
N GLU A 341 7.78 10.37 6.19
CA GLU A 341 7.35 11.50 5.37
C GLU A 341 8.26 11.71 4.17
N SER A 342 7.63 11.72 3.00
CA SER A 342 8.29 11.88 1.72
C SER A 342 7.13 12.10 0.76
N PHE A 343 6.43 13.20 0.98
CA PHE A 343 5.25 13.54 0.19
C PHE A 343 5.55 14.14 -1.17
N VAL A 344 5.01 13.52 -2.21
CA VAL A 344 5.20 14.00 -3.57
C VAL A 344 4.50 15.35 -3.68
N GLU A 345 5.27 16.40 -3.97
CA GLU A 345 4.72 17.76 -4.07
C GLU A 345 3.51 17.89 -4.99
N GLU A 346 2.61 18.78 -4.61
CA GLU A 346 1.39 19.02 -5.36
C GLU A 346 1.58 19.26 -6.86
N TRP A 347 2.45 20.20 -7.24
CA TRP A 347 2.66 20.48 -8.66
C TRP A 347 3.04 19.23 -9.47
N PHE A 348 3.86 18.37 -8.88
CA PHE A 348 4.31 17.14 -9.55
C PHE A 348 3.34 15.97 -9.42
N LYS A 349 2.48 16.01 -8.41
CA LYS A 349 1.53 14.93 -8.16
C LYS A 349 0.76 14.43 -9.39
N PRO A 350 0.19 15.35 -10.19
CA PRO A 350 -0.53 14.84 -11.36
C PRO A 350 0.40 14.17 -12.38
N LEU A 351 1.64 14.64 -12.46
CA LEU A 351 2.60 14.01 -13.37
C LEU A 351 2.84 12.59 -12.87
N ALA A 352 2.96 12.46 -11.54
CA ALA A 352 3.20 11.17 -10.90
C ALA A 352 2.03 10.21 -11.12
N TYR A 353 0.81 10.75 -11.13
CA TYR A 353 -0.37 9.91 -11.33
C TYR A 353 -0.53 9.48 -12.79
N ALA A 354 0.06 10.25 -13.71
CA ALA A 354 0.00 9.92 -15.13
C ALA A 354 1.03 8.83 -15.38
N LEU A 355 2.15 8.93 -14.68
CA LEU A 355 3.24 7.96 -14.79
C LEU A 355 2.82 6.55 -14.35
N THR A 356 1.92 6.49 -13.38
CA THR A 356 1.45 5.20 -12.88
C THR A 356 0.13 4.75 -13.51
N LEU A 357 -0.73 5.71 -13.82
CA LEU A 357 -2.03 5.40 -14.40
C LEU A 357 -2.15 5.21 -15.91
N THR A 358 -1.31 5.90 -16.69
CA THR A 358 -1.40 5.78 -18.15
C THR A 358 -0.40 4.86 -18.82
N ARG A 359 0.47 4.21 -18.05
CA ARG A 359 1.44 3.27 -18.64
C ARG A 359 0.87 1.86 -18.46
N GLU A 360 1.26 0.94 -19.34
CA GLU A 360 0.70 -0.40 -19.27
C GLU A 360 1.23 -1.36 -18.21
N GLN A 361 2.39 -1.08 -17.62
CA GLN A 361 2.92 -1.97 -16.60
C GLN A 361 2.55 -1.55 -15.18
N GLY A 362 2.53 -2.52 -14.27
CA GLY A 362 2.20 -2.25 -12.88
C GLY A 362 0.71 -2.10 -12.60
N TYR A 363 0.34 -2.34 -11.35
CA TYR A 363 -1.04 -2.25 -10.87
C TYR A 363 -1.11 -0.94 -10.06
N PRO A 364 -1.66 0.13 -10.66
CA PRO A 364 -1.78 1.45 -10.03
C PRO A 364 -2.73 1.59 -8.85
N SER A 365 -2.40 2.54 -7.97
CA SER A 365 -3.18 2.80 -6.77
C SER A 365 -3.40 4.31 -6.59
N VAL A 366 -4.59 4.69 -6.14
CA VAL A 366 -4.94 6.09 -5.88
C VAL A 366 -5.02 6.27 -4.37
N PHE A 367 -4.29 7.25 -3.85
CA PHE A 367 -4.29 7.51 -2.40
C PHE A 367 -5.43 8.41 -1.94
N TYR A 368 -6.18 7.93 -0.95
CA TYR A 368 -7.28 8.69 -0.38
C TYR A 368 -6.83 10.11 -0.03
N GLY A 369 -5.66 10.22 0.60
CA GLY A 369 -5.13 11.51 0.98
C GLY A 369 -5.01 12.50 -0.18
N ASP A 370 -4.55 12.02 -1.35
CA ASP A 370 -4.40 12.91 -2.50
C ASP A 370 -5.75 13.18 -3.17
N TYR A 371 -6.58 12.15 -3.23
CA TYR A 371 -7.88 12.26 -3.87
C TYR A 371 -8.85 13.19 -3.14
N TYR A 372 -9.03 12.99 -1.84
CA TYR A 372 -9.93 13.82 -1.06
C TYR A 372 -9.27 14.88 -0.20
N GLY A 373 -7.94 14.89 -0.19
CA GLY A 373 -7.22 15.87 0.59
C GLY A 373 -6.97 15.44 2.03
N ILE A 374 -6.07 16.16 2.68
CA ILE A 374 -5.71 15.91 4.08
C ILE A 374 -5.84 17.29 4.73
N PRO A 375 -7.08 17.69 5.06
CA PRO A 375 -7.37 18.99 5.68
C PRO A 375 -6.57 19.37 6.93
N THR A 376 -6.22 18.39 7.75
CA THR A 376 -5.45 18.64 8.97
C THR A 376 -4.05 19.17 8.68
N HIS A 377 -3.54 18.91 7.48
CA HIS A 377 -2.20 19.38 7.14
C HIS A 377 -2.16 20.27 5.90
N GLY A 378 -3.31 20.75 5.46
CA GLY A 378 -3.36 21.63 4.32
C GLY A 378 -3.26 21.02 2.94
N VAL A 379 -3.52 19.73 2.81
CA VAL A 379 -3.46 19.10 1.50
C VAL A 379 -4.84 19.14 0.86
N PRO A 380 -4.97 19.88 -0.24
CA PRO A 380 -6.26 19.99 -0.93
C PRO A 380 -6.62 18.71 -1.67
N ALA A 381 -7.91 18.50 -1.87
CA ALA A 381 -8.38 17.34 -2.61
C ALA A 381 -7.92 17.55 -4.06
N MET A 382 -7.30 16.53 -4.63
CA MET A 382 -6.80 16.65 -6.00
C MET A 382 -7.56 15.76 -6.97
N ARG A 383 -8.77 15.37 -6.60
CA ARG A 383 -9.56 14.51 -7.46
C ARG A 383 -9.91 15.19 -8.78
N SER A 384 -10.05 16.51 -8.77
CA SER A 384 -10.38 17.24 -9.99
C SER A 384 -9.27 17.07 -11.02
N LYS A 385 -8.04 16.87 -10.55
CA LYS A 385 -6.92 16.69 -11.45
C LYS A 385 -6.60 15.20 -11.66
N ILE A 386 -7.07 14.36 -10.75
CA ILE A 386 -6.81 12.93 -10.87
C ILE A 386 -7.87 12.23 -11.71
N ASP A 387 -9.11 12.72 -11.65
CA ASP A 387 -10.21 12.13 -12.41
C ASP A 387 -9.94 12.02 -13.91
N PRO A 388 -9.38 13.08 -14.52
CA PRO A 388 -9.08 13.05 -15.96
C PRO A 388 -8.07 11.93 -16.26
N ILE A 389 -7.14 11.73 -15.34
CA ILE A 389 -6.12 10.71 -15.49
C ILE A 389 -6.76 9.32 -15.34
N LEU A 390 -7.79 9.24 -14.50
CA LEU A 390 -8.49 7.99 -14.28
C LEU A 390 -9.29 7.62 -15.54
N GLU A 391 -9.93 8.61 -16.15
CA GLU A 391 -10.71 8.37 -17.36
C GLU A 391 -9.78 7.93 -18.50
N ALA A 392 -8.59 8.50 -18.55
CA ALA A 392 -7.63 8.13 -19.59
C ALA A 392 -7.25 6.65 -19.42
N ARG A 393 -7.13 6.21 -18.17
CA ARG A 393 -6.77 4.82 -17.91
C ARG A 393 -7.90 3.87 -18.27
N GLN A 394 -9.11 4.24 -17.85
CA GLN A 394 -10.30 3.44 -18.07
C GLN A 394 -10.71 3.29 -19.53
N LYS A 395 -10.59 4.38 -20.30
CA LYS A 395 -10.99 4.37 -21.71
C LYS A 395 -9.86 4.40 -22.75
N TYR A 396 -8.74 5.03 -22.42
CA TYR A 396 -7.69 5.18 -23.41
C TYR A 396 -6.37 4.42 -23.29
N ALA A 397 -5.94 4.15 -22.06
CA ALA A 397 -4.68 3.47 -21.80
C ALA A 397 -4.67 1.99 -22.16
N TYR A 398 -4.69 1.69 -23.46
CA TYR A 398 -4.69 0.30 -23.93
C TYR A 398 -3.82 0.13 -25.17
N GLY A 399 -3.46 -1.12 -25.47
CA GLY A 399 -2.64 -1.38 -26.64
C GLY A 399 -1.15 -1.17 -26.43
N LYS A 400 -0.40 -1.44 -27.49
CA LYS A 400 1.05 -1.31 -27.50
C LYS A 400 1.56 0.06 -27.04
N GLN A 401 2.63 0.04 -26.27
CA GLN A 401 3.23 1.26 -25.74
C GLN A 401 4.57 1.61 -26.41
N ASN A 402 4.76 2.89 -26.68
CA ASN A 402 5.99 3.39 -27.30
C ASN A 402 6.54 4.46 -26.37
N ASP A 403 7.68 4.21 -25.75
CA ASP A 403 8.27 5.17 -24.83
C ASP A 403 9.09 6.29 -25.46
N TYR A 404 9.15 7.42 -24.76
CA TYR A 404 9.92 8.57 -25.21
C TYR A 404 10.49 9.30 -24.01
N LEU A 405 11.20 8.55 -23.18
CA LEU A 405 11.85 9.08 -21.99
C LEU A 405 13.26 9.44 -22.49
N ASP A 406 13.30 10.39 -23.42
CA ASP A 406 14.55 10.81 -24.05
C ASP A 406 14.98 12.26 -23.86
N HIS A 407 14.50 12.90 -22.80
CA HIS A 407 14.88 14.29 -22.53
C HIS A 407 14.84 14.51 -21.01
N HIS A 408 15.79 15.28 -20.48
CA HIS A 408 15.88 15.51 -19.04
C HIS A 408 14.67 16.18 -18.38
N ASN A 409 13.81 16.81 -19.17
CA ASN A 409 12.61 17.43 -18.63
C ASN A 409 11.34 16.86 -19.24
N ILE A 410 11.25 16.95 -20.56
CA ILE A 410 10.08 16.50 -21.30
C ILE A 410 10.14 15.06 -21.75
N ILE A 411 9.34 14.22 -21.10
CA ILE A 411 9.28 12.81 -21.46
C ILE A 411 7.86 12.48 -21.86
N GLY A 412 7.68 11.36 -22.54
CA GLY A 412 6.34 10.99 -22.96
C GLY A 412 6.27 9.57 -23.43
N TRP A 413 5.05 9.12 -23.71
CA TRP A 413 4.83 7.78 -24.17
C TRP A 413 3.41 7.69 -24.73
N THR A 414 3.23 6.85 -25.73
CA THR A 414 1.93 6.70 -26.36
C THR A 414 1.40 5.27 -26.22
N ARG A 415 0.10 5.14 -26.40
CA ARG A 415 -0.57 3.84 -26.35
C ARG A 415 -1.32 3.77 -27.68
N GLU A 416 -1.09 2.71 -28.45
CA GLU A 416 -1.74 2.56 -29.75
C GLU A 416 -3.20 2.12 -29.69
N GLY A 417 -3.65 1.63 -28.54
CA GLY A 417 -5.03 1.19 -28.40
C GLY A 417 -5.28 -0.18 -29.00
N ASN A 418 -6.41 -0.78 -28.64
CA ASN A 418 -6.79 -2.10 -29.17
C ASN A 418 -8.29 -2.08 -29.48
N THR A 419 -8.73 -3.02 -30.30
CA THR A 419 -10.13 -3.11 -30.68
C THR A 419 -11.07 -3.40 -29.50
N ALA A 420 -10.53 -4.04 -28.46
CA ALA A 420 -11.35 -4.37 -27.30
C ALA A 420 -11.91 -3.11 -26.65
N HIS A 421 -11.30 -1.97 -26.97
CA HIS A 421 -11.74 -0.70 -26.40
C HIS A 421 -11.93 0.38 -27.45
N PRO A 422 -13.19 0.77 -27.68
CA PRO A 422 -13.54 1.79 -28.66
C PRO A 422 -12.74 3.07 -28.53
N ASN A 423 -12.05 3.43 -29.61
CA ASN A 423 -11.32 4.68 -29.62
C ASN A 423 -10.19 4.76 -28.61
N SER A 424 -9.64 3.62 -28.21
CA SER A 424 -8.55 3.63 -27.24
C SER A 424 -7.26 4.16 -27.85
N GLY A 425 -6.33 4.59 -26.99
CA GLY A 425 -5.07 5.14 -27.47
C GLY A 425 -4.84 6.50 -26.86
N LEU A 426 -3.59 6.80 -26.50
CA LEU A 426 -3.28 8.08 -25.91
C LEU A 426 -1.81 8.45 -26.11
N ALA A 427 -1.49 9.68 -25.78
CA ALA A 427 -0.13 10.20 -25.88
C ALA A 427 0.06 11.06 -24.64
N THR A 428 0.81 10.54 -23.68
CA THR A 428 1.09 11.26 -22.46
C THR A 428 2.42 11.97 -22.62
N ILE A 429 2.43 13.26 -22.32
CA ILE A 429 3.64 14.05 -22.41
C ILE A 429 3.69 14.93 -21.16
N MET A 430 4.84 14.97 -20.52
CA MET A 430 4.98 15.75 -19.29
C MET A 430 6.34 16.43 -19.17
N SER A 431 6.39 17.48 -18.36
CA SER A 431 7.63 18.19 -18.14
C SER A 431 7.74 18.66 -16.69
N ASP A 432 8.84 18.30 -16.03
CA ASP A 432 9.05 18.72 -14.66
C ASP A 432 9.72 20.10 -14.69
N GLY A 433 9.90 20.62 -15.91
CA GLY A 433 10.51 21.91 -16.09
C GLY A 433 9.76 22.76 -17.11
N ALA A 434 10.49 23.41 -18.00
CA ALA A 434 9.90 24.26 -19.03
C ALA A 434 9.02 23.47 -20.00
N GLY A 435 8.00 24.12 -20.55
CA GLY A 435 7.11 23.45 -21.48
C GLY A 435 7.76 23.17 -22.83
N GLY A 436 7.03 22.49 -23.71
CA GLY A 436 7.55 22.18 -25.02
C GLY A 436 6.69 21.20 -25.77
N SER A 437 7.28 20.51 -26.74
CA SER A 437 6.53 19.54 -27.53
C SER A 437 7.42 18.36 -27.89
N LYS A 438 6.81 17.30 -28.41
CA LYS A 438 7.57 16.11 -28.79
C LYS A 438 6.78 15.30 -29.79
N TRP A 439 7.43 14.91 -30.89
CA TRP A 439 6.78 14.09 -31.90
C TRP A 439 6.74 12.67 -31.38
N MET A 440 5.59 12.02 -31.46
CA MET A 440 5.48 10.64 -30.99
C MET A 440 4.56 9.85 -31.91
N PHE A 441 4.84 8.55 -32.03
CA PHE A 441 4.05 7.65 -32.86
C PHE A 441 2.88 7.09 -32.07
N VAL A 442 1.66 7.24 -32.61
CA VAL A 442 0.46 6.74 -31.94
C VAL A 442 -0.23 5.66 -32.78
N GLY A 443 0.31 5.37 -33.96
CA GLY A 443 -0.30 4.37 -34.83
C GLY A 443 -0.79 4.97 -36.14
N ARG A 444 -0.52 4.27 -37.25
CA ARG A 444 -0.93 4.75 -38.57
C ARG A 444 -2.44 4.72 -38.79
N ASN A 445 -3.14 3.81 -38.13
CA ASN A 445 -4.59 3.75 -38.30
C ASN A 445 -5.22 4.98 -37.65
N LYS A 446 -4.39 5.81 -37.01
CA LYS A 446 -4.87 7.01 -36.33
C LYS A 446 -4.75 8.25 -37.20
N ALA A 447 -4.18 8.09 -38.39
CA ALA A 447 -3.97 9.21 -39.31
C ALA A 447 -5.21 10.07 -39.51
N GLY A 448 -5.04 11.39 -39.42
CA GLY A 448 -6.16 12.28 -39.60
C GLY A 448 -6.99 12.58 -38.36
N GLN A 449 -6.84 11.76 -37.34
CA GLN A 449 -7.61 11.98 -36.11
C GLN A 449 -7.21 13.28 -35.43
N VAL A 450 -8.19 13.96 -34.83
CA VAL A 450 -7.95 15.21 -34.12
C VAL A 450 -8.03 14.97 -32.62
N TRP A 451 -6.87 14.99 -31.95
CA TRP A 451 -6.77 14.74 -30.52
C TRP A 451 -6.81 15.97 -29.64
N SER A 452 -7.31 15.80 -28.42
CA SER A 452 -7.40 16.88 -27.43
C SER A 452 -6.88 16.41 -26.06
N ASP A 453 -6.51 17.37 -25.22
CA ASP A 453 -5.97 17.10 -23.88
C ASP A 453 -7.09 16.81 -22.88
N ILE A 454 -7.18 15.56 -22.44
CA ILE A 454 -8.23 15.16 -21.51
C ILE A 454 -8.11 15.84 -20.14
N THR A 455 -6.92 16.38 -19.82
CA THR A 455 -6.74 17.06 -18.55
C THR A 455 -7.18 18.51 -18.67
N GLY A 456 -7.26 18.99 -19.91
CA GLY A 456 -7.67 20.36 -20.17
C GLY A 456 -6.57 21.36 -19.93
N ASN A 457 -5.37 20.88 -19.59
CA ASN A 457 -4.25 21.77 -19.34
C ASN A 457 -3.87 22.53 -20.61
N ARG A 458 -4.01 21.86 -21.75
CA ARG A 458 -3.73 22.47 -23.05
C ARG A 458 -5.07 22.48 -23.76
N THR A 459 -5.44 23.64 -24.31
CA THR A 459 -6.73 23.80 -24.98
C THR A 459 -6.79 23.52 -26.48
N GLY A 460 -5.64 23.45 -27.13
CA GLY A 460 -5.66 23.20 -28.57
C GLY A 460 -5.97 21.75 -28.93
N THR A 461 -5.60 21.37 -30.15
CA THR A 461 -5.79 20.02 -30.67
C THR A 461 -4.53 19.61 -31.40
N VAL A 462 -4.36 18.30 -31.59
CA VAL A 462 -3.21 17.77 -32.30
C VAL A 462 -3.74 16.80 -33.34
N THR A 463 -3.41 17.05 -34.60
CA THR A 463 -3.86 16.20 -35.70
C THR A 463 -2.79 15.19 -36.05
N ILE A 464 -3.13 13.91 -35.91
CA ILE A 464 -2.18 12.86 -36.23
C ILE A 464 -1.92 12.94 -37.72
N ASN A 465 -0.66 13.01 -38.13
CA ASN A 465 -0.35 13.09 -39.54
C ASN A 465 -0.52 11.75 -40.24
N ALA A 466 -0.45 11.79 -41.57
CA ALA A 466 -0.60 10.59 -42.39
C ALA A 466 0.27 9.40 -41.98
N ASP A 467 1.39 9.66 -41.31
CA ASP A 467 2.28 8.55 -40.93
C ASP A 467 2.08 8.01 -39.52
N GLY A 468 1.16 8.58 -38.76
CA GLY A 468 0.91 8.10 -37.41
C GLY A 468 1.54 8.93 -36.31
N TRP A 469 2.24 9.99 -36.70
CA TRP A 469 2.92 10.87 -35.76
C TRP A 469 2.13 12.13 -35.43
N GLY A 470 2.22 12.53 -34.17
CA GLY A 470 1.56 13.74 -33.74
C GLY A 470 2.58 14.55 -32.97
N ASN A 471 2.52 15.88 -33.06
CA ASN A 471 3.46 16.74 -32.36
C ASN A 471 2.70 17.30 -31.15
N PHE A 472 2.85 16.61 -30.02
CA PHE A 472 2.16 16.98 -28.78
C PHE A 472 2.94 18.01 -27.98
N SER A 473 2.22 18.82 -27.22
CA SER A 473 2.83 19.86 -26.42
C SER A 473 2.37 19.76 -24.96
N VAL A 474 3.09 20.42 -24.07
CA VAL A 474 2.76 20.42 -22.66
C VAL A 474 3.31 21.69 -22.03
N ASN A 475 2.60 22.20 -21.02
CA ASN A 475 3.04 23.40 -20.32
C ASN A 475 4.13 23.01 -19.31
N GLY A 476 4.88 23.99 -18.82
CA GLY A 476 5.92 23.69 -17.86
C GLY A 476 5.37 23.09 -16.57
N GLY A 477 6.17 22.25 -15.92
CA GLY A 477 5.76 21.61 -14.67
C GLY A 477 4.31 21.17 -14.77
N SER A 478 4.03 20.41 -15.81
CA SER A 478 2.67 19.98 -16.06
C SER A 478 2.64 18.68 -16.84
N VAL A 479 1.44 18.12 -17.00
CA VAL A 479 1.25 16.91 -17.77
C VAL A 479 0.02 17.07 -18.67
N SER A 480 0.12 16.53 -19.88
CA SER A 480 -0.98 16.57 -20.84
C SER A 480 -1.16 15.16 -21.36
N ILE A 481 -2.41 14.73 -21.48
CA ILE A 481 -2.72 13.41 -21.98
C ILE A 481 -3.69 13.59 -23.15
N TRP A 482 -3.14 13.56 -24.36
CA TRP A 482 -3.93 13.73 -25.57
C TRP A 482 -4.59 12.42 -26.00
N VAL A 483 -5.89 12.49 -26.26
CA VAL A 483 -6.63 11.32 -26.70
C VAL A 483 -7.54 11.72 -27.85
N ASN A 484 -8.17 10.74 -28.49
CA ASN A 484 -9.07 11.03 -29.60
C ASN A 484 -10.50 11.13 -29.09
N LYS A 485 -10.77 12.09 -28.21
CA LYS A 485 -12.12 12.24 -27.69
C LYS A 485 -13.01 13.14 -28.55
C1 GLC B . 2.38 2.66 11.51
C2 GLC B . 3.22 3.93 11.66
C3 GLC B . 4.13 3.84 12.89
C4 GLC B . 3.36 3.40 14.16
C5 GLC B . 2.44 2.19 13.87
C6 GLC B . 1.49 1.94 15.02
O1 GLC B . 3.19 1.57 11.14
O2 GLC B . 4.00 4.13 10.50
O3 GLC B . 4.72 5.12 13.11
O4 GLC B . 4.32 3.03 15.19
O5 GLC B . 1.64 2.42 12.70
O6 GLC B . 0.76 3.11 15.34
C1 GLC B . 4.78 4.05 16.02
C2 GLC B . 6.16 3.71 16.59
C3 GLC B . 6.05 2.65 17.68
C4 GLC B . 5.08 3.10 18.77
C5 GLC B . 3.71 3.41 18.13
C6 GLC B . 2.75 4.01 19.14
O2 GLC B . 7.02 3.24 15.55
O3 GLC B . 7.34 2.42 18.25
O4 GLC B . 4.97 2.05 19.76
O5 GLC B . 3.85 4.39 17.08
O6 GLC B . 3.07 5.37 19.41
C1 GLC B . 5.86 2.15 20.84
C2 GLC B . 6.46 0.78 21.18
C3 GLC B . 5.43 -0.13 21.87
C4 GLC B . 4.78 0.59 23.05
C5 GLC B . 4.21 1.94 22.59
C6 GLC B . 3.65 2.74 23.75
O2 GLC B . 6.94 0.15 20.01
O3 GLC B . 6.08 -1.31 22.33
O4 GLC B . 3.72 -0.23 23.57
O5 GLC B . 5.26 2.74 22.00
O6 GLC B . 3.10 3.98 23.31
C1 GLC B . 4.04 -0.98 24.72
C2 GLC B . 3.14 -2.22 24.79
C3 GLC B . 1.71 -1.76 25.01
C4 GLC B . 1.65 -1.02 26.34
C5 GLC B . 2.60 0.20 26.30
C6 GLC B . 2.70 0.86 27.68
O2 GLC B . 3.25 -2.96 23.59
O3 GLC B . 0.82 -2.86 25.02
O4 GLC B . 0.30 -0.59 26.58
O5 GLC B . 3.94 -0.21 25.93
O6 GLC B . 3.38 2.12 27.60
C1 GLC B . -0.19 -0.80 27.87
C2 GLC B . -1.57 -1.44 27.79
C3 GLC B . -2.62 -0.44 27.28
C4 GLC B . -2.56 0.90 28.04
C5 GLC B . -1.13 1.42 28.09
C6 GLC B . -0.99 2.67 28.94
O2 GLC B . -1.52 -2.56 26.92
O3 GLC B . -3.91 -1.00 27.40
O4 GLC B . -3.38 1.86 27.38
O5 GLC B . -0.23 0.41 28.63
O6 GLC B . -0.93 3.82 28.12
C1 GLC C . 0.59 -5.72 -17.01
C2 GLC C . 1.02 -5.01 -15.70
C3 GLC C . 0.54 -5.80 -14.48
C4 GLC C . -0.97 -6.02 -14.58
C5 GLC C . -1.33 -6.70 -15.91
C6 GLC C . -2.83 -6.85 -16.11
O1 GLC C . 1.29 -6.92 -17.15
O2 GLC C . 2.44 -4.91 -15.65
O3 GLC C . 0.84 -5.09 -13.30
O4 GLC C . -1.42 -6.84 -13.47
O5 GLC C . -0.82 -5.91 -17.01
O6 GLC C . -3.14 -7.02 -17.48
C1 GLC C . -1.64 -6.13 -12.29
C2 GLC C . -1.73 -7.10 -11.09
C3 GLC C . -3.05 -7.86 -11.10
C4 GLC C . -4.24 -6.90 -11.23
C5 GLC C . -4.05 -6.00 -12.46
C6 GLC C . -5.13 -4.96 -12.62
O2 GLC C . -0.66 -8.02 -11.13
O3 GLC C . -3.18 -8.61 -9.90
O4 GLC C . -5.46 -7.65 -11.34
O5 GLC C . -2.79 -5.30 -12.35
O6 GLC C . -5.07 -4.35 -13.91
C1 GLC C . -6.16 -7.76 -10.14
C2 GLC C . -6.82 -9.14 -10.03
C3 GLC C . -8.02 -9.25 -10.98
C4 GLC C . -8.99 -8.10 -10.70
C5 GLC C . -8.27 -6.76 -10.84
C6 GLC C . -9.17 -5.60 -10.48
O2 GLC C . -5.87 -10.16 -10.32
O3 GLC C . -8.68 -10.50 -10.80
O4 GLC C . -10.09 -8.17 -11.60
O5 GLC C . -7.13 -6.72 -9.96
O6 GLC C . -8.43 -4.51 -9.94
C1 GLC D . 7.84 -12.59 -13.05
C2 GLC D . 9.28 -12.14 -12.75
C3 GLC D . 10.26 -13.24 -13.11
C4 GLC D . 9.89 -14.53 -12.38
C5 GLC D . 8.44 -14.90 -12.69
C6 GLC D . 7.98 -16.12 -11.89
O1 GLC D . 7.65 -12.73 -14.43
O2 GLC D . 9.58 -10.96 -13.49
O3 GLC D . 11.57 -12.84 -12.74
O4 GLC D . 10.75 -15.58 -12.79
O5 GLC D . 7.56 -13.81 -12.34
O6 GLC D . 6.59 -16.32 -12.01
C1 GLC E . 6.37 -22.14 27.40
C2 GLC E . 7.84 -22.41 27.06
C3 GLC E . 8.31 -23.65 27.82
C4 GLC E . 8.13 -23.41 29.33
C5 GLC E . 6.66 -23.10 29.62
C6 GLC E . 6.42 -22.77 31.08
O1 GLC E . 5.59 -23.19 26.93
O2 GLC E . 8.00 -22.63 25.66
O3 GLC E . 9.67 -23.89 27.53
O4 GLC E . 8.54 -24.57 30.05
O5 GLC E . 6.24 -21.96 28.83
O6 GLC E . 7.09 -21.57 31.45
CA CA F . 11.54 -16.56 16.37
CA CA G . 8.73 -9.47 13.23
CA CA H . 14.20 17.75 -15.23
NA NA I . 9.51 -12.61 15.41
#